data_4MA4
#
_entry.id   4MA4
#
_cell.length_a   102.508
_cell.length_b   102.508
_cell.length_c   260.606
_cell.angle_alpha   90.00
_cell.angle_beta   90.00
_cell.angle_gamma   120.00
#
_symmetry.space_group_name_H-M   'P 65 2 2'
#
loop_
_entity.id
_entity.type
_entity.pdbx_description
1 polymer '6-phosphofructo-2-kinase/fructose-2,6-bisphosphatase 3'
2 non-polymer "ADENOSINE-5'-DIPHOSPHATE"
3 non-polymer 'MALONIC ACID'
4 non-polymer 'ACETIC ACID'
5 non-polymer GLUTATHIONE
6 non-polymer 6-O-phosphono-beta-D-fructofuranose
7 water water
#
_entity_poly.entity_id   1
_entity_poly.type   'polypeptide(L)'
_entity_poly.pdbx_seq_one_letter_code
;MPLELTQSRVQKIWVPVDHRPSLPRSCGPKLTNSPTVIVMVGLPARGKTYISKKLTRYLNWIGVPTKVFNVGEYRREAVK
QYSSYNFFRPDNEEAMKVRKQCALAALRDVKSYLAKEGGQIAVFDATNTTRERRHMILHFAKENDFKAFFIESVCDDPTV
VASNIMEVKISSPDYKDCNSAEAMDDFMKRISCYEASYQPLDPDKCDRDLSLIKVIDVGRRFLVNRVQDHIQSRIVYYLM
NIHVQPRTIYLCRHGENEHNLQGRIGGDSGLSSRGKKFASALSKFVEEQNLKDLRVWTSQLKSTIQTAEALRLPYEQWKA
LNEIDAGVCEELTYEEIRDTYPEEYALREQDKYYYRYPTGESYQDLVQRLEPVIMELERQENVLVICHQAVLRCLLAYFL
DKSAEEMPYLKCPLHTVLKLTPVAYGCRVESIYLNVESVCTHRERSEDAKKGPNPLMRRNSVTPLASPEPTKKPRINSFE
EHVASTSAALPSCLPPEVPTQLPGQNMKGSRSSADSSRKH
;
_entity_poly.pdbx_strand_id   A
#
loop_
_chem_comp.id
_chem_comp.type
_chem_comp.name
_chem_comp.formula
ACY non-polymer 'ACETIC ACID' 'C2 H4 O2'
ADP non-polymer ADENOSINE-5'-DIPHOSPHATE 'C10 H15 N5 O10 P2'
F6P D-saccharide, beta linking 6-O-phosphono-beta-D-fructofuranose 'C6 H13 O9 P'
GSH non-polymer GLUTATHIONE 'C10 H17 N3 O6 S'
MLA non-polymer 'MALONIC ACID' 'C3 H4 O4'
#
# COMPACT_ATOMS: atom_id res chain seq x y z
N LEU A 3 34.13 -12.56 10.02
CA LEU A 3 35.37 -12.66 10.87
C LEU A 3 35.98 -11.25 11.07
N GLU A 4 36.63 -10.65 10.04
CA GLU A 4 36.73 -9.15 10.00
C GLU A 4 35.61 -8.35 9.28
N LEU A 5 34.85 -7.65 10.14
CA LEU A 5 33.58 -7.00 9.79
C LEU A 5 33.59 -5.53 10.19
N THR A 6 32.83 -4.72 9.45
CA THR A 6 32.61 -3.34 9.93
C THR A 6 31.10 -2.98 10.07
N GLN A 7 30.73 -2.12 10.99
CA GLN A 7 29.33 -1.79 11.14
C GLN A 7 28.90 -0.57 10.20
N SER A 8 27.99 -0.77 9.24
CA SER A 8 27.60 0.36 8.37
C SER A 8 27.01 1.54 9.19
N ARG A 9 27.33 2.75 8.79
CA ARG A 9 27.11 3.89 9.64
C ARG A 9 25.63 4.26 9.68
N VAL A 10 24.91 4.01 8.60
CA VAL A 10 23.52 4.41 8.58
C VAL A 10 22.60 3.30 9.12
N GLN A 11 22.59 2.17 8.43
CA GLN A 11 21.67 1.07 8.77
C GLN A 11 22.17 0.15 9.94
N LYS A 12 23.36 0.43 10.46
CA LYS A 12 23.93 -0.26 11.60
C LYS A 12 24.06 -1.78 11.31
N ILE A 13 24.35 -2.15 10.07
CA ILE A 13 24.47 -3.56 9.67
C ILE A 13 25.92 -4.00 9.59
N TRP A 14 26.26 -5.12 10.26
CA TRP A 14 27.65 -5.66 10.18
C TRP A 14 27.94 -6.27 8.84
N VAL A 15 29.06 -5.89 8.19
CA VAL A 15 29.32 -6.36 6.83
C VAL A 15 30.81 -6.70 6.74
N PRO A 16 31.18 -7.63 5.84
CA PRO A 16 32.65 -7.94 5.80
C PRO A 16 33.43 -6.69 5.22
N VAL A 17 34.55 -6.25 5.83
CA VAL A 17 35.30 -5.10 5.32
C VAL A 17 35.81 -5.47 3.92
N ASP A 18 35.40 -4.70 2.92
CA ASP A 18 35.85 -4.96 1.56
C ASP A 18 37.01 -3.98 1.23
N HIS A 19 38.20 -4.51 1.06
CA HIS A 19 39.31 -3.68 0.76
C HIS A 19 39.55 -3.57 -0.74
N ARG A 20 38.67 -4.15 -1.52
CA ARG A 20 38.89 -4.08 -2.98
C ARG A 20 37.60 -3.66 -3.73
N PRO A 21 36.95 -2.53 -3.34
CA PRO A 21 35.61 -2.40 -3.99
C PRO A 21 35.64 -1.83 -5.45
N SER A 22 36.84 -1.72 -6.06
CA SER A 22 37.14 -1.48 -7.48
C SER A 22 36.70 -2.60 -8.43
N LEU A 23 36.67 -3.82 -7.92
CA LEU A 23 36.32 -4.90 -8.79
C LEU A 23 34.83 -4.98 -8.59
N PRO A 24 34.13 -5.74 -9.45
CA PRO A 24 34.78 -6.80 -10.20
C PRO A 24 34.24 -6.85 -11.63
N ASN A 33 15.79 -17.24 -7.80
CA ASN A 33 14.57 -16.57 -7.32
C ASN A 33 14.04 -15.58 -8.40
N SER A 34 13.82 -16.10 -9.60
CA SER A 34 13.15 -15.36 -10.67
C SER A 34 12.16 -14.26 -10.19
N PRO A 35 12.17 -13.10 -10.86
CA PRO A 35 11.07 -12.12 -10.83
C PRO A 35 9.77 -12.74 -11.31
N THR A 36 8.67 -12.10 -10.88
CA THR A 36 7.35 -12.66 -11.16
C THR A 36 6.43 -11.67 -11.91
N VAL A 37 5.72 -12.21 -12.89
CA VAL A 37 4.62 -11.50 -13.54
C VAL A 37 3.34 -12.09 -13.01
N ILE A 38 2.58 -11.26 -12.31
CA ILE A 38 1.20 -11.56 -12.00
C ILE A 38 0.28 -11.19 -13.22
N VAL A 39 -0.42 -12.20 -13.72
CA VAL A 39 -1.36 -12.10 -14.80
C VAL A 39 -2.84 -11.98 -14.26
N MET A 40 -3.46 -10.80 -14.37
CA MET A 40 -4.93 -10.65 -14.08
C MET A 40 -5.78 -11.30 -15.15
N VAL A 41 -6.91 -11.88 -14.70
CA VAL A 41 -7.84 -12.57 -15.65
C VAL A 41 -9.28 -12.26 -15.22
N GLY A 42 -10.15 -11.98 -16.19
CA GLY A 42 -11.53 -11.73 -15.91
C GLY A 42 -12.24 -10.75 -16.85
N LEU A 43 -13.58 -10.86 -16.87
CA LEU A 43 -14.41 -9.93 -17.62
C LEU A 43 -14.26 -8.51 -17.08
N PRO A 44 -14.69 -7.47 -17.85
CA PRO A 44 -14.54 -6.12 -17.28
C PRO A 44 -15.43 -5.91 -16.05
N ALA A 45 -15.00 -5.00 -15.14
CA ALA A 45 -15.70 -4.65 -13.91
C ALA A 45 -15.79 -5.80 -12.90
N ARG A 46 -14.71 -6.60 -12.82
CA ARG A 46 -14.58 -7.69 -11.84
C ARG A 46 -13.54 -7.35 -10.70
N GLY A 47 -13.13 -6.07 -10.61
CA GLY A 47 -12.16 -5.63 -9.65
C GLY A 47 -10.72 -6.00 -9.99
N LYS A 48 -10.43 -6.32 -11.25
CA LYS A 48 -9.00 -6.64 -11.56
C LYS A 48 -8.06 -5.49 -11.23
N THR A 49 -8.48 -4.26 -11.54
CA THR A 49 -7.60 -3.10 -11.43
C THR A 49 -7.51 -2.70 -9.92
N TYR A 50 -8.64 -2.77 -9.25
CA TYR A 50 -8.72 -2.65 -7.84
C TYR A 50 -7.71 -3.63 -7.12
N ILE A 51 -7.67 -4.90 -7.53
CA ILE A 51 -6.78 -5.88 -6.93
C ILE A 51 -5.36 -5.52 -7.35
N SER A 52 -5.18 -5.09 -8.61
CA SER A 52 -3.84 -4.77 -9.08
C SER A 52 -3.20 -3.69 -8.15
N LYS A 53 -3.93 -2.60 -7.92
CA LYS A 53 -3.40 -1.41 -7.28
C LYS A 53 -3.22 -1.70 -5.77
N LYS A 54 -4.17 -2.39 -5.17
CA LYS A 54 -4.12 -2.60 -3.76
C LYS A 54 -2.96 -3.58 -3.37
N LEU A 55 -2.84 -4.64 -4.11
CA LEU A 55 -1.77 -5.56 -3.95
C LEU A 55 -0.41 -4.92 -4.14
N THR A 56 -0.33 -4.03 -5.15
CA THR A 56 0.90 -3.29 -5.44
C THR A 56 1.25 -2.28 -4.31
N ARG A 57 0.25 -1.64 -3.71
CA ARG A 57 0.47 -0.68 -2.62
C ARG A 57 1.03 -1.47 -1.40
N TYR A 58 0.59 -2.73 -1.24
CA TYR A 58 1.00 -3.58 -0.15
C TYR A 58 2.44 -4.03 -0.31
N LEU A 59 2.76 -4.59 -1.48
CA LEU A 59 4.10 -5.09 -1.77
C LEU A 59 5.16 -3.97 -1.78
N ASN A 60 4.81 -2.81 -2.31
CA ASN A 60 5.72 -1.72 -2.23
C ASN A 60 6.00 -1.31 -0.77
N TRP A 61 4.94 -1.04 -0.03
CA TRP A 61 5.11 -0.66 1.38
C TRP A 61 5.88 -1.70 2.21
N ILE A 62 5.67 -3.00 2.00
CA ILE A 62 6.60 -3.93 2.64
C ILE A 62 7.90 -4.11 1.88
N GLY A 63 8.30 -3.25 0.93
CA GLY A 63 9.68 -3.38 0.34
C GLY A 63 9.93 -4.36 -0.84
N VAL A 64 8.89 -4.92 -1.47
CA VAL A 64 9.05 -5.70 -2.74
C VAL A 64 8.65 -4.81 -3.92
N PRO A 65 9.62 -4.24 -4.64
CA PRO A 65 9.31 -3.35 -5.75
C PRO A 65 8.35 -3.98 -6.82
N THR A 66 7.23 -3.31 -6.99
CA THR A 66 6.14 -3.83 -7.78
C THR A 66 5.58 -2.73 -8.59
N LYS A 67 5.13 -3.06 -9.80
CA LYS A 67 4.43 -2.06 -10.60
C LYS A 67 3.27 -2.68 -11.43
N VAL A 68 2.23 -1.89 -11.57
CA VAL A 68 1.03 -2.21 -12.36
C VAL A 68 1.25 -1.80 -13.84
N PHE A 69 1.04 -2.74 -14.77
CA PHE A 69 0.96 -2.43 -16.24
C PHE A 69 -0.47 -2.67 -16.73
N ASN A 70 -1.19 -1.57 -16.86
CA ASN A 70 -2.60 -1.53 -17.15
C ASN A 70 -2.76 -1.32 -18.66
N VAL A 71 -3.02 -2.41 -19.41
CA VAL A 71 -3.17 -2.35 -20.87
C VAL A 71 -4.23 -1.31 -21.35
N GLY A 72 -5.29 -1.13 -20.57
CA GLY A 72 -6.28 -0.09 -20.90
C GLY A 72 -5.68 1.31 -21.03
N GLU A 73 -4.70 1.61 -20.21
CA GLU A 73 -4.02 2.90 -20.21
C GLU A 73 -3.06 3.02 -21.38
N TYR A 74 -2.39 1.93 -21.74
CA TYR A 74 -1.68 1.91 -23.02
C TYR A 74 -2.70 2.20 -24.18
N ARG A 75 -3.90 1.65 -24.07
CA ARG A 75 -4.89 1.83 -25.13
C ARG A 75 -5.37 3.30 -25.28
N ARG A 76 -5.73 3.89 -24.14
CA ARG A 76 -6.05 5.31 -24.08
C ARG A 76 -4.89 6.18 -24.56
N GLU A 77 -3.68 5.81 -24.19
CA GLU A 77 -2.57 6.55 -24.71
C GLU A 77 -2.60 6.53 -26.23
N ALA A 78 -2.88 5.37 -26.83
CA ALA A 78 -2.68 5.24 -28.26
C ALA A 78 -3.91 5.71 -29.06
N VAL A 79 -5.06 5.88 -28.45
CA VAL A 79 -6.25 6.11 -29.24
C VAL A 79 -6.80 7.50 -28.96
N LYS A 80 -6.72 7.97 -27.73
CA LYS A 80 -7.02 9.38 -27.46
C LYS A 80 -8.47 9.61 -27.01
N GLN A 81 -9.47 9.58 -27.89
CA GLN A 81 -10.79 9.61 -27.27
C GLN A 81 -11.56 8.33 -27.58
N TYR A 82 -12.26 7.84 -26.57
CA TYR A 82 -13.14 6.70 -26.65
C TYR A 82 -14.46 7.19 -27.20
N SER A 83 -14.97 6.49 -28.21
CA SER A 83 -16.30 6.80 -28.72
C SER A 83 -17.38 5.84 -28.18
N SER A 84 -17.13 4.51 -28.16
CA SER A 84 -18.19 3.58 -27.69
C SER A 84 -17.71 2.15 -27.63
N TYR A 85 -18.59 1.26 -27.21
CA TYR A 85 -18.27 -0.18 -27.10
C TYR A 85 -17.90 -0.87 -28.43
N ASN A 86 -18.27 -0.24 -29.57
CA ASN A 86 -17.89 -0.75 -30.90
C ASN A 86 -16.41 -0.96 -31.08
N PHE A 87 -15.63 -0.17 -30.33
CA PHE A 87 -14.15 -0.35 -30.33
C PHE A 87 -13.79 -1.78 -29.85
N PHE A 88 -14.65 -2.41 -29.04
CA PHE A 88 -14.27 -3.72 -28.42
C PHE A 88 -14.92 -4.95 -29.08
N ARG A 89 -15.74 -4.72 -30.11
CA ARG A 89 -16.35 -5.84 -30.89
C ARG A 89 -15.27 -6.82 -31.30
N PRO A 90 -15.52 -8.14 -31.12
CA PRO A 90 -14.55 -9.13 -31.71
C PRO A 90 -14.47 -9.08 -33.23
N ASP A 91 -15.48 -8.51 -33.92
CA ASP A 91 -15.34 -8.37 -35.38
C ASP A 91 -14.57 -7.10 -35.83
N ASN A 92 -14.08 -6.31 -34.88
CA ASN A 92 -13.35 -5.06 -35.22
C ASN A 92 -11.88 -5.35 -35.51
N GLU A 93 -11.57 -5.64 -36.76
CA GLU A 93 -10.25 -6.17 -37.06
C GLU A 93 -9.14 -5.20 -36.73
N GLU A 94 -9.36 -3.93 -37.02
CA GLU A 94 -8.34 -2.96 -36.78
C GLU A 94 -8.15 -2.70 -35.27
N ALA A 95 -9.22 -2.64 -34.52
CA ALA A 95 -9.03 -2.38 -33.12
C ALA A 95 -8.46 -3.63 -32.38
N MET A 96 -8.84 -4.84 -32.82
CA MET A 96 -8.34 -6.06 -32.21
C MET A 96 -6.84 -5.99 -32.38
N LYS A 97 -6.38 -5.53 -33.55
CA LYS A 97 -4.97 -5.32 -33.80
C LYS A 97 -4.29 -4.30 -32.86
N VAL A 98 -4.93 -3.16 -32.65
CA VAL A 98 -4.33 -2.12 -31.81
C VAL A 98 -4.25 -2.59 -30.32
N ARG A 99 -5.31 -3.24 -29.84
CA ARG A 99 -5.42 -3.86 -28.53
C ARG A 99 -4.30 -4.87 -28.34
N LYS A 100 -4.15 -5.77 -29.29
CA LYS A 100 -2.98 -6.66 -29.25
C LYS A 100 -1.66 -5.87 -29.15
N GLN A 101 -1.51 -4.80 -29.96
CA GLN A 101 -0.26 -4.01 -29.94
C GLN A 101 -0.01 -3.40 -28.54
N CYS A 102 -1.09 -3.03 -27.82
CA CYS A 102 -0.97 -2.39 -26.55
C CYS A 102 -0.50 -3.44 -25.53
N ALA A 103 -1.12 -4.61 -25.60
CA ALA A 103 -0.68 -5.73 -24.79
C ALA A 103 0.84 -6.00 -24.98
N LEU A 104 1.28 -6.11 -26.23
CA LEU A 104 2.70 -6.43 -26.51
C LEU A 104 3.63 -5.25 -26.06
N ALA A 105 3.25 -4.00 -26.29
CA ALA A 105 4.01 -2.86 -25.72
C ALA A 105 4.11 -2.88 -24.14
N ALA A 106 2.98 -3.15 -23.45
CA ALA A 106 2.97 -3.44 -22.01
C ALA A 106 3.96 -4.56 -21.57
N LEU A 107 3.99 -5.68 -22.30
CA LEU A 107 4.92 -6.77 -22.04
C LEU A 107 6.39 -6.38 -22.31
N ARG A 108 6.62 -5.49 -23.27
CA ARG A 108 7.97 -5.01 -23.46
CA ARG A 108 7.99 -5.03 -23.45
C ARG A 108 8.44 -4.25 -22.23
N ASP A 109 7.59 -3.33 -21.75
CA ASP A 109 7.88 -2.56 -20.51
C ASP A 109 8.01 -3.47 -19.27
N VAL A 110 7.13 -4.46 -19.15
CA VAL A 110 7.31 -5.52 -18.15
C VAL A 110 8.71 -6.12 -18.17
N LYS A 111 9.19 -6.45 -19.35
CA LYS A 111 10.54 -7.00 -19.56
C LYS A 111 11.61 -6.00 -19.09
N SER A 112 11.47 -4.76 -19.50
CA SER A 112 12.39 -3.76 -19.06
C SER A 112 12.38 -3.50 -17.52
N TYR A 113 11.23 -3.70 -16.88
CA TYR A 113 11.07 -3.32 -15.49
C TYR A 113 11.76 -4.34 -14.59
N LEU A 114 11.51 -5.59 -14.94
CA LEU A 114 11.96 -6.74 -14.25
C LEU A 114 13.42 -7.10 -14.58
N ALA A 115 13.90 -6.85 -15.79
CA ALA A 115 15.27 -7.25 -16.16
C ALA A 115 16.21 -6.05 -16.10
N LYS A 116 15.70 -4.85 -15.97
CA LYS A 116 16.57 -3.69 -16.17
C LYS A 116 16.36 -2.62 -15.12
N GLU A 117 15.21 -2.58 -14.48
CA GLU A 117 15.08 -1.43 -13.60
C GLU A 117 15.03 -1.85 -12.14
N GLY A 118 15.36 -3.12 -11.88
CA GLY A 118 15.28 -3.66 -10.53
C GLY A 118 13.89 -3.91 -9.96
N GLY A 119 12.87 -4.08 -10.82
CA GLY A 119 11.56 -4.43 -10.26
C GLY A 119 11.51 -5.89 -9.92
N GLN A 120 10.65 -6.30 -9.00
CA GLN A 120 10.62 -7.74 -8.67
C GLN A 120 9.29 -8.36 -9.07
N ILE A 121 8.21 -7.56 -8.93
CA ILE A 121 6.89 -8.06 -9.36
C ILE A 121 6.27 -7.07 -10.33
N ALA A 122 5.83 -7.62 -11.46
CA ALA A 122 5.07 -6.89 -12.53
C ALA A 122 3.62 -7.38 -12.52
N VAL A 123 2.68 -6.47 -12.25
CA VAL A 123 1.21 -6.84 -12.33
C VAL A 123 0.59 -6.48 -13.69
N PHE A 124 0.38 -7.51 -14.52
CA PHE A 124 -0.14 -7.40 -15.90
C PHE A 124 -1.66 -7.39 -15.85
N ASP A 125 -2.20 -6.18 -15.83
CA ASP A 125 -3.65 -5.92 -15.62
C ASP A 125 -4.37 -5.70 -16.99
N ALA A 126 -5.06 -6.75 -17.40
CA ALA A 126 -5.92 -6.80 -18.57
C ALA A 126 -6.89 -7.96 -18.37
N THR A 127 -7.75 -8.19 -19.38
CA THR A 127 -8.79 -9.19 -19.27
C THR A 127 -8.22 -10.56 -19.41
N ASN A 128 -7.29 -10.73 -20.33
CA ASN A 128 -6.65 -12.04 -20.52
C ASN A 128 -7.61 -13.23 -20.51
N THR A 129 -8.74 -13.07 -21.23
CA THR A 129 -9.86 -13.98 -21.04
C THR A 129 -9.79 -15.23 -21.96
N THR A 130 -8.87 -15.25 -22.93
CA THR A 130 -8.76 -16.41 -23.80
C THR A 130 -7.49 -17.19 -23.44
N ARG A 131 -7.52 -18.49 -23.75
CA ARG A 131 -6.36 -19.37 -23.57
C ARG A 131 -5.21 -19.00 -24.45
N GLU A 132 -5.54 -18.61 -25.68
CA GLU A 132 -4.51 -18.12 -26.58
C GLU A 132 -3.72 -16.91 -26.05
N ARG A 133 -4.39 -15.91 -25.50
CA ARG A 133 -3.65 -14.76 -24.98
C ARG A 133 -2.79 -15.25 -23.74
N ARG A 134 -3.38 -16.02 -22.85
CA ARG A 134 -2.61 -16.51 -21.70
C ARG A 134 -1.45 -17.37 -22.10
N HIS A 135 -1.62 -18.15 -23.16
CA HIS A 135 -0.50 -18.92 -23.67
C HIS A 135 0.67 -18.02 -24.12
N MET A 136 0.34 -16.97 -24.86
CA MET A 136 1.42 -16.08 -25.30
C MET A 136 2.11 -15.43 -24.09
N ILE A 137 1.37 -15.17 -23.00
CA ILE A 137 1.99 -14.53 -21.83
C ILE A 137 2.98 -15.50 -21.12
N LEU A 138 2.53 -16.73 -20.99
CA LEU A 138 3.36 -17.83 -20.54
C LEU A 138 4.66 -17.95 -21.34
N HIS A 139 4.52 -17.89 -22.65
CA HIS A 139 5.69 -18.03 -23.51
C HIS A 139 6.64 -16.88 -23.24
N PHE A 140 6.11 -15.68 -23.10
CA PHE A 140 6.94 -14.53 -22.81
C PHE A 140 7.60 -14.67 -21.45
N ALA A 141 6.88 -15.21 -20.46
CA ALA A 141 7.51 -15.40 -19.13
C ALA A 141 8.62 -16.48 -19.19
N LYS A 142 8.29 -17.65 -19.74
CA LYS A 142 9.28 -18.69 -19.93
C LYS A 142 10.56 -18.16 -20.65
N GLU A 143 10.39 -17.69 -21.86
CA GLU A 143 11.53 -17.20 -22.59
C GLU A 143 12.37 -16.18 -21.82
N ASN A 144 11.81 -15.43 -20.87
CA ASN A 144 12.62 -14.46 -20.15
C ASN A 144 13.03 -14.96 -18.77
N ASP A 145 12.65 -16.19 -18.47
CA ASP A 145 12.85 -16.66 -17.13
C ASP A 145 12.06 -15.99 -15.98
N PHE A 146 10.85 -15.54 -16.26
CA PHE A 146 10.05 -15.06 -15.16
C PHE A 146 9.11 -16.18 -14.79
N LYS A 147 8.83 -16.25 -13.49
CA LYS A 147 7.64 -16.91 -12.97
C LYS A 147 6.36 -16.16 -13.40
N ALA A 148 5.32 -16.95 -13.61
CA ALA A 148 3.94 -16.49 -13.87
C ALA A 148 2.99 -16.96 -12.76
N PHE A 149 2.18 -16.05 -12.22
CA PHE A 149 1.13 -16.38 -11.27
C PHE A 149 -0.18 -15.71 -11.73
N PHE A 150 -1.25 -16.49 -11.90
CA PHE A 150 -2.54 -15.96 -12.34
C PHE A 150 -3.56 -15.67 -11.26
N ILE A 151 -4.17 -14.46 -11.33
CA ILE A 151 -5.29 -14.07 -10.46
C ILE A 151 -6.55 -13.86 -11.32
N GLU A 152 -7.54 -14.76 -11.21
CA GLU A 152 -8.80 -14.61 -11.93
C GLU A 152 -9.88 -14.17 -10.97
N SER A 153 -10.57 -13.10 -11.35
CA SER A 153 -11.77 -12.70 -10.59
C SER A 153 -13.08 -13.06 -11.31
N VAL A 154 -13.89 -13.90 -10.67
CA VAL A 154 -15.14 -14.40 -11.19
C VAL A 154 -16.31 -13.90 -10.35
N CYS A 155 -17.27 -13.24 -10.99
CA CYS A 155 -18.46 -12.73 -10.28
C CYS A 155 -19.56 -12.47 -11.24
N ASP A 156 -20.62 -13.26 -11.19
CA ASP A 156 -21.75 -12.99 -12.05
C ASP A 156 -22.97 -12.41 -11.31
N ASP A 157 -22.80 -11.92 -10.09
CA ASP A 157 -23.88 -11.19 -9.43
C ASP A 157 -24.11 -9.79 -10.08
N PRO A 158 -25.28 -9.61 -10.74
CA PRO A 158 -25.54 -8.36 -11.50
C PRO A 158 -25.55 -7.13 -10.61
N THR A 159 -25.93 -7.30 -9.35
CA THR A 159 -25.84 -6.21 -8.41
C THR A 159 -24.40 -5.71 -8.19
N VAL A 160 -23.43 -6.64 -8.15
CA VAL A 160 -22.07 -6.23 -7.85
C VAL A 160 -21.52 -5.56 -9.11
N VAL A 161 -21.77 -6.17 -10.26
CA VAL A 161 -21.30 -5.59 -11.54
C VAL A 161 -21.87 -4.15 -11.71
N ALA A 162 -23.19 -4.00 -11.52
CA ALA A 162 -23.83 -2.68 -11.65
C ALA A 162 -23.16 -1.67 -10.71
N SER A 163 -23.05 -2.09 -9.46
CA SER A 163 -22.42 -1.23 -8.50
C SER A 163 -20.95 -0.94 -8.85
N ASN A 164 -20.22 -1.92 -9.39
CA ASN A 164 -18.82 -1.62 -9.77
C ASN A 164 -18.79 -0.58 -10.90
N ILE A 165 -19.76 -0.67 -11.77
CA ILE A 165 -19.75 0.25 -12.91
C ILE A 165 -20.00 1.71 -12.49
N MET A 166 -21.02 1.88 -11.64
CA MET A 166 -21.34 3.17 -11.02
C MET A 166 -20.18 3.72 -10.24
N GLU A 167 -19.44 2.84 -9.56
CA GLU A 167 -18.41 3.33 -8.65
C GLU A 167 -17.16 3.75 -9.36
N VAL A 168 -16.73 3.02 -10.40
CA VAL A 168 -15.47 3.39 -11.02
C VAL A 168 -15.54 3.62 -12.52
N LYS A 169 -16.57 3.10 -13.20
CA LYS A 169 -16.51 3.17 -14.64
C LYS A 169 -17.16 4.47 -15.18
N ILE A 170 -18.34 4.86 -14.70
CA ILE A 170 -19.04 6.00 -15.37
C ILE A 170 -18.23 7.25 -15.18
N SER A 171 -17.31 7.26 -14.24
CA SER A 171 -16.57 8.45 -13.93
C SER A 171 -15.14 8.29 -14.38
N SER A 172 -14.86 7.25 -15.16
CA SER A 172 -13.51 7.11 -15.70
C SER A 172 -13.35 8.06 -16.88
N PRO A 173 -12.09 8.27 -17.32
CA PRO A 173 -11.78 9.13 -18.48
C PRO A 173 -12.50 8.73 -19.78
N ASP A 174 -12.82 7.44 -19.96
CA ASP A 174 -13.55 6.98 -21.15
C ASP A 174 -14.91 7.65 -21.28
N TYR A 175 -15.46 8.13 -20.17
CA TYR A 175 -16.83 8.67 -20.18
C TYR A 175 -16.90 10.13 -19.83
N LYS A 176 -15.77 10.84 -19.93
CA LYS A 176 -15.72 12.28 -19.60
C LYS A 176 -16.97 12.98 -20.17
N ASP A 177 -17.46 12.47 -21.30
CA ASP A 177 -18.42 13.16 -22.13
C ASP A 177 -19.87 12.80 -21.87
N CYS A 178 -20.12 12.05 -20.81
CA CYS A 178 -21.28 11.19 -20.77
C CYS A 178 -22.16 11.40 -19.56
N ASN A 179 -23.47 11.15 -19.69
CA ASN A 179 -24.24 11.00 -18.49
C ASN A 179 -24.21 9.55 -18.02
N SER A 180 -24.66 9.38 -16.79
CA SER A 180 -24.73 8.11 -16.14
C SER A 180 -25.46 7.01 -16.88
N ALA A 181 -26.64 7.28 -17.42
CA ALA A 181 -27.40 6.17 -17.98
C ALA A 181 -26.76 5.62 -19.25
N GLU A 182 -26.03 6.47 -19.93
CA GLU A 182 -25.60 5.98 -21.21
C GLU A 182 -24.21 5.40 -21.06
N ALA A 183 -23.41 5.98 -20.18
CA ALA A 183 -22.20 5.37 -19.68
C ALA A 183 -22.44 3.90 -19.27
N MET A 184 -23.43 3.68 -18.39
CA MET A 184 -23.85 2.32 -17.95
C MET A 184 -24.23 1.44 -19.13
N ASP A 185 -25.03 1.98 -20.03
CA ASP A 185 -25.49 1.23 -21.18
C ASP A 185 -24.31 0.82 -22.09
N ASP A 186 -23.49 1.79 -22.45
CA ASP A 186 -22.27 1.49 -23.24
C ASP A 186 -21.45 0.37 -22.54
N PHE A 187 -21.23 0.49 -21.22
CA PHE A 187 -20.29 -0.42 -20.52
C PHE A 187 -20.85 -1.86 -20.47
N MET A 188 -22.18 -1.99 -20.40
CA MET A 188 -22.80 -3.31 -20.35
C MET A 188 -22.58 -3.99 -21.66
N LYS A 189 -22.72 -3.25 -22.74
CA LYS A 189 -22.48 -3.82 -24.04
C LYS A 189 -21.00 -4.11 -24.26
N ARG A 190 -20.16 -3.24 -23.76
CA ARG A 190 -18.73 -3.53 -23.79
C ARG A 190 -18.44 -4.87 -23.10
N ILE A 191 -19.03 -5.10 -21.95
CA ILE A 191 -18.80 -6.41 -21.29
C ILE A 191 -19.25 -7.60 -22.14
N SER A 192 -20.37 -7.46 -22.84
CA SER A 192 -20.90 -8.59 -23.53
C SER A 192 -20.06 -8.88 -24.77
N CYS A 193 -19.35 -7.90 -25.27
CA CYS A 193 -18.30 -8.18 -26.26
C CYS A 193 -17.33 -9.33 -25.92
N TYR A 194 -16.98 -9.51 -24.66
CA TYR A 194 -15.97 -10.48 -24.26
C TYR A 194 -16.59 -11.84 -23.89
N GLU A 195 -17.91 -11.87 -23.68
CA GLU A 195 -18.60 -13.09 -23.21
C GLU A 195 -18.48 -14.35 -24.03
N ALA A 196 -18.72 -14.29 -25.33
CA ALA A 196 -18.62 -15.47 -26.18
C ALA A 196 -17.24 -16.14 -26.13
N SER A 197 -16.12 -15.44 -26.18
CA SER A 197 -14.84 -16.14 -26.21
C SER A 197 -14.19 -16.30 -24.82
N TYR A 198 -14.90 -16.02 -23.72
CA TYR A 198 -14.22 -16.10 -22.43
C TYR A 198 -14.00 -17.55 -21.98
N GLN A 199 -12.75 -17.93 -21.70
CA GLN A 199 -12.40 -19.28 -21.20
C GLN A 199 -11.80 -19.19 -19.80
N PRO A 200 -12.63 -19.41 -18.79
CA PRO A 200 -12.17 -19.25 -17.37
C PRO A 200 -11.01 -20.23 -17.07
N LEU A 201 -10.17 -19.88 -16.10
CA LEU A 201 -9.05 -20.75 -15.73
C LEU A 201 -9.65 -22.09 -15.33
N ASP A 202 -9.04 -23.18 -15.79
CA ASP A 202 -9.53 -24.53 -15.45
C ASP A 202 -8.49 -25.45 -14.81
N PRO A 203 -8.34 -25.35 -13.50
CA PRO A 203 -7.30 -26.16 -12.83
C PRO A 203 -7.52 -27.69 -12.93
N ASP A 204 -8.74 -28.16 -13.14
CA ASP A 204 -8.93 -29.58 -13.40
C ASP A 204 -8.24 -29.99 -14.69
N LYS A 205 -8.80 -29.72 -15.85
CA LYS A 205 -8.05 -30.05 -17.06
C LYS A 205 -6.89 -29.12 -17.41
N CYS A 206 -7.17 -28.14 -18.26
CA CYS A 206 -6.16 -27.38 -18.99
C CYS A 206 -5.21 -26.57 -18.19
N ASP A 207 -5.58 -26.10 -17.01
CA ASP A 207 -4.65 -25.25 -16.28
C ASP A 207 -4.02 -25.92 -15.03
N ARG A 208 -4.01 -27.26 -15.03
CA ARG A 208 -3.47 -28.04 -13.89
C ARG A 208 -2.06 -27.69 -13.56
N ASP A 209 -1.25 -27.30 -14.52
CA ASP A 209 0.14 -26.99 -14.16
C ASP A 209 0.37 -25.54 -13.92
N LEU A 210 -0.70 -24.72 -13.95
CA LEU A 210 -0.48 -23.31 -13.64
C LEU A 210 -0.60 -23.04 -12.17
N SER A 211 0.20 -22.11 -11.69
CA SER A 211 0.02 -21.45 -10.46
C SER A 211 -1.00 -20.29 -10.56
N LEU A 212 -2.04 -20.39 -9.72
CA LEU A 212 -3.21 -19.56 -9.81
C LEU A 212 -4.06 -19.49 -8.54
N ILE A 213 -4.76 -18.37 -8.45
CA ILE A 213 -5.88 -18.25 -7.56
C ILE A 213 -7.12 -17.71 -8.30
N LYS A 214 -8.21 -18.40 -8.11
CA LYS A 214 -9.52 -17.95 -8.57
C LYS A 214 -10.25 -17.34 -7.37
N VAL A 215 -10.57 -16.02 -7.47
CA VAL A 215 -11.39 -15.31 -6.48
C VAL A 215 -12.84 -15.28 -6.99
N ILE A 216 -13.74 -15.78 -6.17
CA ILE A 216 -15.10 -16.10 -6.60
C ILE A 216 -16.05 -15.36 -5.67
N ASP A 217 -16.97 -14.60 -6.27
CA ASP A 217 -18.05 -13.89 -5.50
C ASP A 217 -17.47 -13.06 -4.40
N VAL A 218 -16.52 -12.24 -4.85
CA VAL A 218 -15.93 -11.14 -4.06
C VAL A 218 -15.29 -11.72 -2.80
N GLY A 219 -14.70 -12.91 -2.91
CA GLY A 219 -13.92 -13.36 -1.77
C GLY A 219 -14.69 -14.34 -0.92
N ARG A 220 -15.86 -14.72 -1.32
CA ARG A 220 -16.63 -15.70 -0.57
C ARG A 220 -15.97 -17.10 -0.67
N ARG A 221 -15.37 -17.37 -1.82
CA ARG A 221 -14.71 -18.61 -2.11
C ARG A 221 -13.43 -18.45 -3.00
N PHE A 222 -12.45 -19.33 -2.81
CA PHE A 222 -11.15 -19.28 -3.53
C PHE A 222 -10.74 -20.68 -3.95
N LEU A 223 -10.14 -20.80 -5.13
CA LEU A 223 -9.49 -22.03 -5.50
C LEU A 223 -8.01 -21.62 -5.78
N VAL A 224 -7.08 -22.32 -5.11
CA VAL A 224 -5.61 -22.12 -5.12
C VAL A 224 -4.93 -23.39 -5.67
N ASN A 225 -4.16 -23.19 -6.75
CA ASN A 225 -3.38 -24.24 -7.45
C ASN A 225 -1.90 -23.91 -7.49
N ARG A 226 -1.10 -24.82 -6.92
CA ARG A 226 0.38 -24.77 -6.94
C ARG A 226 1.12 -23.51 -6.56
N VAL A 227 0.91 -22.97 -5.38
CA VAL A 227 1.76 -21.91 -4.87
C VAL A 227 3.23 -22.34 -4.91
N GLN A 228 4.14 -21.48 -5.36
CA GLN A 228 5.52 -21.91 -5.60
C GLN A 228 6.50 -21.33 -4.64
N ASP A 229 6.15 -20.25 -3.98
CA ASP A 229 7.22 -19.57 -3.28
C ASP A 229 6.72 -18.58 -2.24
N HIS A 230 7.64 -17.86 -1.63
CA HIS A 230 7.39 -16.98 -0.53
C HIS A 230 6.37 -15.88 -0.96
N ILE A 231 6.73 -15.14 -1.99
CA ILE A 231 5.87 -14.05 -2.42
C ILE A 231 4.48 -14.56 -2.86
N GLN A 232 4.39 -15.74 -3.41
CA GLN A 232 3.07 -16.19 -3.86
C GLN A 232 2.16 -16.54 -2.76
N SER A 233 2.71 -17.10 -1.69
CA SER A 233 1.82 -17.52 -0.61
C SER A 233 1.35 -16.30 0.20
N ARG A 234 2.20 -15.30 0.44
CA ARG A 234 1.77 -14.00 1.02
C ARG A 234 0.62 -13.36 0.16
N ILE A 235 0.70 -13.45 -1.18
CA ILE A 235 -0.23 -12.71 -2.05
C ILE A 235 -1.60 -13.29 -1.75
N VAL A 236 -1.61 -14.60 -1.65
CA VAL A 236 -2.84 -15.37 -1.45
C VAL A 236 -3.44 -15.07 -0.11
N TYR A 237 -2.57 -15.02 0.90
CA TYR A 237 -3.03 -14.67 2.23
C TYR A 237 -3.62 -13.21 2.27
N TYR A 238 -2.96 -12.29 1.58
CA TYR A 238 -3.41 -10.89 1.47
C TYR A 238 -4.79 -10.84 0.75
N LEU A 239 -4.91 -11.51 -0.40
CA LEU A 239 -6.22 -11.58 -1.08
C LEU A 239 -7.28 -12.14 -0.27
N MET A 240 -6.94 -13.14 0.55
CA MET A 240 -7.97 -13.75 1.42
C MET A 240 -8.36 -12.87 2.59
N ASN A 241 -7.61 -11.81 2.90
CA ASN A 241 -7.94 -11.03 4.12
C ASN A 241 -8.53 -9.63 3.88
N ILE A 242 -8.56 -9.17 2.61
CA ILE A 242 -9.13 -7.79 2.33
C ILE A 242 -10.61 -7.93 1.97
N HIS A 243 -11.43 -6.91 2.14
CA HIS A 243 -12.82 -7.05 1.75
C HIS A 243 -13.28 -5.67 1.21
N VAL A 244 -14.40 -5.61 0.51
CA VAL A 244 -14.83 -4.31 -0.05
C VAL A 244 -15.98 -3.67 0.75
N GLN A 245 -16.33 -4.19 1.90
CA GLN A 245 -17.38 -3.57 2.74
C GLN A 245 -16.93 -2.16 3.02
N PRO A 246 -17.85 -1.19 3.05
CA PRO A 246 -17.41 0.19 3.34
C PRO A 246 -17.09 0.32 4.83
N ARG A 247 -16.14 1.18 5.16
CA ARG A 247 -15.85 1.33 6.56
C ARG A 247 -15.00 2.56 6.73
N THR A 248 -14.71 2.85 7.99
CA THR A 248 -13.89 3.97 8.33
C THR A 248 -12.75 3.64 9.29
N ILE A 249 -11.56 4.17 8.96
CA ILE A 249 -10.40 4.11 9.81
C ILE A 249 -9.99 5.48 10.36
N TYR A 250 -9.91 5.60 11.68
CA TYR A 250 -9.38 6.80 12.32
C TYR A 250 -8.03 6.61 12.90
N LEU A 251 -7.12 7.54 12.64
CA LEU A 251 -5.78 7.52 13.17
C LEU A 251 -5.48 8.81 13.94
N CYS A 252 -4.96 8.66 15.16
CA CYS A 252 -4.36 9.82 15.79
C CYS A 252 -3.28 9.41 16.71
N ARG A 253 -2.62 10.43 17.29
CA ARG A 253 -1.57 10.28 18.28
C ARG A 253 -2.16 10.35 19.69
N HIS A 254 -1.48 9.75 20.69
CA HIS A 254 -1.74 10.05 22.11
C HIS A 254 -1.99 11.58 22.26
N GLY A 255 -2.80 12.00 23.23
CA GLY A 255 -2.79 13.42 23.69
C GLY A 255 -1.37 13.84 24.00
N GLU A 256 -1.08 15.16 23.91
CA GLU A 256 0.24 15.70 24.31
C GLU A 256 0.74 15.11 25.62
N ASN A 257 2.06 14.82 25.72
CA ASN A 257 2.60 14.25 26.96
C ASN A 257 3.70 15.12 27.51
N GLU A 258 4.29 14.78 28.65
CA GLU A 258 5.28 15.66 29.26
C GLU A 258 6.62 15.71 28.58
N HIS A 259 7.04 14.62 27.94
CA HIS A 259 8.22 14.70 27.09
C HIS A 259 7.99 15.61 25.90
N ASN A 260 6.77 15.60 25.37
CA ASN A 260 6.44 16.57 24.30
C ASN A 260 6.74 18.02 24.82
N LEU A 261 6.19 18.40 25.99
CA LEU A 261 6.50 19.69 26.63
C LEU A 261 7.99 19.88 26.79
N GLN A 262 8.76 18.82 27.00
CA GLN A 262 10.21 19.05 27.10
C GLN A 262 11.02 18.93 25.81
N GLY A 263 10.39 18.76 24.65
CA GLY A 263 11.17 18.40 23.44
C GLY A 263 11.91 17.03 23.58
N ARG A 264 11.42 16.05 24.37
CA ARG A 264 12.28 14.85 24.53
C ARG A 264 11.75 13.69 23.68
N ILE A 265 12.63 12.91 23.08
CA ILE A 265 12.13 11.80 22.23
C ILE A 265 12.00 10.48 23.05
N GLY A 266 11.21 9.55 22.53
CA GLY A 266 10.86 8.25 23.18
C GLY A 266 10.31 8.36 24.57
N GLY A 267 10.76 7.42 25.44
CA GLY A 267 10.33 7.43 26.84
C GLY A 267 8.91 6.91 26.95
N ASP A 268 8.35 6.96 28.17
CA ASP A 268 7.05 6.46 28.54
C ASP A 268 6.30 7.44 29.51
N SER A 269 6.27 8.74 29.18
CA SER A 269 5.64 9.75 30.08
C SER A 269 4.12 9.74 29.91
N GLY A 270 3.37 10.35 30.88
CA GLY A 270 1.88 10.42 30.88
C GLY A 270 1.38 11.76 30.22
N LEU A 271 0.08 11.83 29.95
CA LEU A 271 -0.59 13.02 29.41
C LEU A 271 -0.34 14.32 30.26
N SER A 272 -0.10 15.46 29.61
CA SER A 272 -0.20 16.78 30.19
C SER A 272 -1.70 17.14 30.39
N SER A 273 -2.00 18.26 31.03
CA SER A 273 -3.42 18.65 31.16
C SER A 273 -4.00 18.97 29.81
N ARG A 274 -3.20 19.44 28.85
CA ARG A 274 -3.81 19.51 27.52
C ARG A 274 -4.08 18.16 26.89
N GLY A 275 -3.13 17.25 27.07
CA GLY A 275 -3.29 15.94 26.38
C GLY A 275 -4.56 15.32 26.93
N LYS A 276 -4.80 15.54 28.22
CA LYS A 276 -6.07 15.08 28.85
C LYS A 276 -7.34 15.77 28.33
N LYS A 277 -7.23 17.08 28.09
CA LYS A 277 -8.35 17.79 27.48
C LYS A 277 -8.55 17.26 26.09
N PHE A 278 -7.49 17.05 25.33
CA PHE A 278 -7.69 16.33 24.03
C PHE A 278 -8.42 15.00 24.15
N ALA A 279 -8.02 14.18 25.14
CA ALA A 279 -8.68 12.86 25.36
C ALA A 279 -10.17 12.98 25.53
N SER A 280 -10.67 13.91 26.36
CA SER A 280 -12.20 14.18 26.35
C SER A 280 -12.74 14.69 25.08
N ALA A 281 -12.00 15.55 24.43
CA ALA A 281 -12.49 15.94 23.07
C ALA A 281 -12.63 14.73 22.11
N LEU A 282 -11.64 13.80 22.19
CA LEU A 282 -11.65 12.62 21.31
C LEU A 282 -12.86 11.79 21.61
N SER A 283 -13.13 11.63 22.90
CA SER A 283 -14.36 10.93 23.32
C SER A 283 -15.67 11.52 22.79
N LYS A 284 -15.82 12.84 22.84
CA LYS A 284 -17.01 13.45 22.22
C LYS A 284 -17.02 13.30 20.73
N PHE A 285 -15.86 13.53 20.10
CA PHE A 285 -15.80 13.30 18.66
C PHE A 285 -16.28 11.89 18.30
N VAL A 286 -15.71 10.86 18.94
CA VAL A 286 -16.12 9.48 18.64
C VAL A 286 -17.62 9.26 18.85
N GLU A 287 -18.17 9.73 19.96
CA GLU A 287 -19.60 9.66 20.12
C GLU A 287 -20.39 10.37 18.97
N GLU A 288 -19.94 11.54 18.56
CA GLU A 288 -20.62 12.20 17.45
C GLU A 288 -20.53 11.45 16.11
N GLN A 289 -19.54 10.60 15.91
CA GLN A 289 -19.47 9.85 14.65
C GLN A 289 -20.56 8.80 14.54
N ASN A 290 -21.08 8.35 15.67
CA ASN A 290 -22.25 7.52 15.65
C ASN A 290 -22.03 6.15 14.97
N LEU A 291 -20.86 5.55 15.18
CA LEU A 291 -20.46 4.25 14.56
C LEU A 291 -21.04 3.02 15.21
N LYS A 292 -21.31 1.98 14.42
CA LYS A 292 -22.10 0.84 14.93
C LYS A 292 -21.28 0.05 15.95
N ASP A 293 -20.10 -0.34 15.52
CA ASP A 293 -19.18 -1.05 16.36
C ASP A 293 -18.00 -0.25 15.95
N LEU A 294 -17.10 -0.07 16.89
CA LEU A 294 -15.86 0.61 16.67
C LEU A 294 -14.76 -0.17 17.43
N ARG A 295 -13.70 -0.64 16.78
CA ARG A 295 -12.58 -1.14 17.61
C ARG A 295 -11.61 -0.04 17.91
N VAL A 296 -11.07 -0.08 19.13
CA VAL A 296 -10.05 0.81 19.54
C VAL A 296 -8.74 0.09 19.86
N TRP A 297 -7.65 0.49 19.19
CA TRP A 297 -6.30 -0.03 19.42
C TRP A 297 -5.35 1.02 19.95
N THR A 298 -4.44 0.64 20.89
CA THR A 298 -3.42 1.54 21.39
C THR A 298 -2.07 0.83 21.28
N SER A 299 -0.98 1.57 21.57
CA SER A 299 0.29 0.97 21.81
C SER A 299 0.34 0.45 23.30
N GLN A 300 1.50 -0.01 23.76
CA GLN A 300 1.60 -0.37 25.16
C GLN A 300 2.18 0.80 25.92
N LEU A 301 2.36 1.97 25.28
CA LEU A 301 2.93 3.10 26.06
C LEU A 301 1.86 3.88 26.76
N LYS A 302 2.10 4.27 28.02
CA LYS A 302 1.11 4.97 28.89
C LYS A 302 0.21 6.10 28.20
N SER A 303 0.85 6.95 27.41
CA SER A 303 0.12 8.13 26.87
C SER A 303 -0.98 7.71 25.93
N THR A 304 -0.84 6.63 25.15
CA THR A 304 -1.93 6.22 24.27
C THR A 304 -3.07 5.55 25.05
N ILE A 305 -2.68 4.82 26.08
CA ILE A 305 -3.61 4.10 26.90
C ILE A 305 -4.46 5.10 27.77
N GLN A 306 -3.82 6.14 28.33
CA GLN A 306 -4.56 7.23 29.02
C GLN A 306 -5.56 7.91 28.08
N THR A 307 -5.18 8.14 26.82
CA THR A 307 -6.11 8.69 25.82
C THR A 307 -7.30 7.74 25.59
N ALA A 308 -7.05 6.46 25.38
CA ALA A 308 -8.16 5.51 25.20
C ALA A 308 -9.08 5.37 26.40
N GLU A 309 -8.54 5.50 27.62
CA GLU A 309 -9.41 5.38 28.84
C GLU A 309 -10.54 6.46 28.86
N ALA A 310 -10.23 7.64 28.34
CA ALA A 310 -11.20 8.76 28.32
C ALA A 310 -12.36 8.39 27.46
N LEU A 311 -12.22 7.44 26.58
CA LEU A 311 -13.35 7.01 25.71
C LEU A 311 -14.39 6.10 26.33
N ARG A 312 -14.00 5.43 27.41
CA ARG A 312 -14.86 4.45 28.02
C ARG A 312 -15.33 3.41 27.04
N LEU A 313 -14.46 3.00 26.11
CA LEU A 313 -14.76 1.86 25.24
C LEU A 313 -13.70 0.82 25.43
N PRO A 314 -14.04 -0.47 25.18
CA PRO A 314 -12.99 -1.48 25.22
C PRO A 314 -11.86 -1.14 24.19
N TYR A 315 -10.60 -1.35 24.59
CA TYR A 315 -9.49 -1.26 23.64
C TYR A 315 -8.47 -2.41 23.85
N GLU A 316 -7.69 -2.65 22.81
CA GLU A 316 -6.63 -3.64 22.76
C GLU A 316 -5.28 -2.92 22.64
N GLN A 317 -4.32 -3.24 23.51
CA GLN A 317 -2.93 -2.76 23.43
C GLN A 317 -2.05 -3.64 22.52
N TRP A 318 -1.32 -3.06 21.57
CA TRP A 318 -0.39 -3.75 20.70
C TRP A 318 0.97 -3.23 20.93
N LYS A 319 1.89 -4.10 21.32
CA LYS A 319 3.32 -3.72 21.36
C LYS A 319 3.87 -3.22 20.00
N ALA A 320 3.40 -3.81 18.92
CA ALA A 320 3.78 -3.34 17.60
C ALA A 320 3.39 -1.88 17.28
N LEU A 321 2.52 -1.24 18.07
CA LEU A 321 2.21 0.16 17.86
C LEU A 321 3.08 1.10 18.74
N ASN A 322 3.96 0.57 19.58
CA ASN A 322 4.88 1.42 20.33
C ASN A 322 5.66 2.29 19.38
N GLU A 323 6.11 3.45 19.85
CA GLU A 323 6.84 4.43 19.02
C GLU A 323 8.19 3.85 18.61
N ILE A 324 8.71 4.31 17.49
CA ILE A 324 10.06 3.92 17.06
C ILE A 324 11.07 3.99 18.22
N ASP A 325 11.95 2.99 18.27
CA ASP A 325 12.82 2.89 19.42
C ASP A 325 14.10 3.64 19.16
N ALA A 326 14.39 4.69 19.95
CA ALA A 326 15.60 5.48 19.65
C ALA A 326 16.92 4.92 20.25
N GLY A 327 16.90 3.68 20.83
CA GLY A 327 18.14 3.04 21.25
C GLY A 327 18.93 3.89 22.27
N VAL A 328 20.21 4.19 22.00
CA VAL A 328 20.92 5.04 23.00
C VAL A 328 20.39 6.49 23.12
N CYS A 329 19.49 6.94 22.22
CA CYS A 329 19.04 8.33 22.27
C CYS A 329 17.70 8.48 22.95
N GLU A 330 17.11 7.39 23.43
CA GLU A 330 15.84 7.48 24.13
C GLU A 330 15.91 8.50 25.26
N GLU A 331 14.83 9.23 25.52
CA GLU A 331 14.75 10.29 26.57
C GLU A 331 15.52 11.59 26.37
N LEU A 332 16.33 11.67 25.31
CA LEU A 332 17.12 12.84 25.01
C LEU A 332 16.32 13.87 24.20
N THR A 333 16.74 15.15 24.28
CA THR A 333 16.15 16.18 23.37
C THR A 333 16.98 16.10 22.06
N TYR A 334 16.45 16.65 20.97
CA TYR A 334 17.20 16.71 19.72
C TYR A 334 18.47 17.56 19.86
N GLU A 335 18.41 18.58 20.71
CA GLU A 335 19.57 19.43 21.02
C GLU A 335 20.67 18.60 21.78
N GLU A 336 20.27 17.76 22.75
CA GLU A 336 21.21 16.79 23.38
C GLU A 336 21.78 15.79 22.38
N ILE A 337 20.98 15.38 21.39
CA ILE A 337 21.50 14.39 20.45
C ILE A 337 22.51 15.01 19.55
N ARG A 338 22.19 16.19 19.03
CA ARG A 338 23.20 16.89 18.18
C ARG A 338 24.53 17.14 18.90
N ASP A 339 24.45 17.54 20.14
CA ASP A 339 25.64 17.75 20.96
C ASP A 339 26.43 16.48 21.29
N THR A 340 25.76 15.41 21.70
CA THR A 340 26.48 14.23 22.15
C THR A 340 26.81 13.30 21.01
N TYR A 341 25.94 13.22 20.00
CA TYR A 341 26.14 12.35 18.84
C TYR A 341 26.06 13.14 17.52
N PRO A 342 27.00 14.12 17.29
CA PRO A 342 26.86 14.89 16.04
C PRO A 342 26.84 14.04 14.79
N GLU A 343 27.65 13.00 14.66
CA GLU A 343 27.64 12.23 13.42
C GLU A 343 26.29 11.48 13.25
N GLU A 344 25.71 10.97 14.33
CA GLU A 344 24.47 10.20 14.25
C GLU A 344 23.36 11.16 13.82
N TYR A 345 23.40 12.36 14.40
CA TYR A 345 22.46 13.44 14.03
C TYR A 345 22.47 13.75 12.56
N ALA A 346 23.65 14.09 12.03
CA ALA A 346 23.84 14.32 10.58
C ALA A 346 23.42 13.13 9.71
N LEU A 347 23.83 11.91 10.08
CA LEU A 347 23.41 10.71 9.27
C LEU A 347 21.88 10.56 9.22
N ARG A 348 21.21 10.69 10.38
CA ARG A 348 19.75 10.58 10.35
C ARG A 348 19.10 11.66 9.37
N GLU A 349 19.55 12.91 9.50
CA GLU A 349 19.04 13.95 8.58
C GLU A 349 19.31 13.64 7.15
N GLN A 350 20.45 13.03 6.81
CA GLN A 350 20.62 12.70 5.36
C GLN A 350 19.91 11.47 4.81
N ASP A 351 19.41 10.58 5.67
CA ASP A 351 18.80 9.33 5.17
C ASP A 351 17.83 8.78 6.21
N LYS A 352 16.83 9.58 6.46
CA LYS A 352 15.88 9.42 7.52
C LYS A 352 15.04 8.14 7.47
N TYR A 353 14.79 7.60 6.29
CA TYR A 353 14.08 6.36 6.22
C TYR A 353 14.94 5.18 6.71
N TYR A 354 16.17 5.12 6.22
CA TYR A 354 17.00 3.90 6.38
C TYR A 354 17.84 3.94 7.67
N TYR A 355 18.02 5.13 8.21
CA TYR A 355 18.77 5.31 9.41
C TYR A 355 18.26 4.49 10.62
N ARG A 356 19.16 3.82 11.29
CA ARG A 356 18.79 3.18 12.53
C ARG A 356 19.51 3.80 13.72
N TYR A 357 18.78 4.14 14.77
CA TYR A 357 19.43 4.59 15.99
C TYR A 357 20.29 3.44 16.57
N PRO A 358 21.47 3.76 17.16
CA PRO A 358 22.34 2.65 17.71
C PRO A 358 21.53 1.90 18.76
N THR A 359 21.41 0.57 18.55
CA THR A 359 20.65 -0.34 19.44
C THR A 359 19.15 -0.06 19.37
N GLY A 360 18.70 0.68 18.34
CA GLY A 360 17.29 1.00 18.21
C GLY A 360 16.79 0.70 16.80
N GLU A 361 15.88 1.52 16.27
CA GLU A 361 15.21 1.14 15.00
C GLU A 361 15.29 2.25 13.96
N SER A 362 14.98 1.86 12.70
CA SER A 362 14.71 2.74 11.57
C SER A 362 13.20 2.70 11.22
N TYR A 363 12.77 3.59 10.31
CA TYR A 363 11.41 3.55 9.72
C TYR A 363 11.24 2.28 8.93
N GLN A 364 12.30 1.89 8.24
CA GLN A 364 12.32 0.58 7.63
C GLN A 364 12.00 -0.57 8.61
N ASP A 365 12.61 -0.61 9.78
CA ASP A 365 12.25 -1.68 10.77
C ASP A 365 10.75 -1.49 11.20
N LEU A 366 10.33 -0.23 11.36
CA LEU A 366 8.94 0.04 11.84
C LEU A 366 7.91 -0.63 10.83
N VAL A 367 8.14 -0.47 9.55
CA VAL A 367 7.32 -1.09 8.51
C VAL A 367 7.24 -2.59 8.76
N GLN A 368 8.35 -3.28 8.99
CA GLN A 368 8.29 -4.72 9.18
CA GLN A 368 8.27 -4.72 9.19
C GLN A 368 7.43 -5.05 10.39
N ARG A 369 7.58 -4.28 11.47
CA ARG A 369 6.88 -4.61 12.68
C ARG A 369 5.36 -4.28 12.58
N LEU A 370 5.03 -3.28 11.76
CA LEU A 370 3.59 -2.89 11.61
C LEU A 370 2.82 -3.78 10.65
N GLU A 371 3.51 -4.62 9.90
CA GLU A 371 2.80 -5.47 8.89
C GLU A 371 1.65 -6.25 9.43
N PRO A 372 1.80 -6.86 10.64
CA PRO A 372 0.59 -7.55 11.15
C PRO A 372 -0.48 -6.60 11.55
N VAL A 373 -0.12 -5.38 11.93
CA VAL A 373 -1.17 -4.41 12.23
C VAL A 373 -1.96 -4.05 10.94
N ILE A 374 -1.26 -3.83 9.86
CA ILE A 374 -1.87 -3.54 8.58
C ILE A 374 -2.76 -4.72 8.15
N MET A 375 -2.24 -5.95 8.28
CA MET A 375 -3.02 -7.12 7.83
C MET A 375 -4.32 -7.22 8.56
N GLU A 376 -4.27 -7.03 9.86
CA GLU A 376 -5.51 -7.06 10.68
C GLU A 376 -6.45 -5.85 10.41
N LEU A 377 -5.91 -4.66 10.12
CA LEU A 377 -6.74 -3.52 9.78
C LEU A 377 -7.54 -3.81 8.51
N GLU A 378 -6.95 -4.54 7.56
CA GLU A 378 -7.65 -4.97 6.34
C GLU A 378 -8.89 -5.81 6.66
N ARG A 379 -8.84 -6.55 7.76
CA ARG A 379 -9.92 -7.46 8.06
C ARG A 379 -10.97 -6.76 8.87
N GLN A 380 -10.69 -5.58 9.41
CA GLN A 380 -11.69 -4.94 10.24
C GLN A 380 -12.62 -4.04 9.48
N GLU A 381 -13.58 -3.50 10.19
CA GLU A 381 -14.45 -2.53 9.62
C GLU A 381 -14.08 -1.16 10.22
N ASN A 382 -14.87 -0.67 11.16
CA ASN A 382 -14.55 0.54 11.88
C ASN A 382 -13.45 0.40 12.93
N VAL A 383 -12.38 1.19 12.84
CA VAL A 383 -11.22 1.07 13.76
C VAL A 383 -10.60 2.44 14.04
N LEU A 384 -10.31 2.70 15.30
CA LEU A 384 -9.56 3.85 15.74
C LEU A 384 -8.21 3.41 16.33
N VAL A 385 -7.14 3.97 15.81
CA VAL A 385 -5.80 3.58 16.20
C VAL A 385 -5.18 4.79 16.86
N ILE A 386 -4.92 4.70 18.19
CA ILE A 386 -4.21 5.70 18.92
C ILE A 386 -2.74 5.32 19.09
N CYS A 387 -1.88 6.11 18.46
CA CYS A 387 -0.48 5.75 18.34
C CYS A 387 0.50 6.86 18.51
N HIS A 388 1.61 6.85 17.75
CA HIS A 388 2.72 7.83 17.96
C HIS A 388 3.15 8.37 16.65
N GLN A 389 3.92 9.45 16.68
CA GLN A 389 4.32 10.20 15.45
C GLN A 389 4.88 9.33 14.29
N ALA A 390 5.98 8.60 14.54
CA ALA A 390 6.67 7.84 13.47
C ALA A 390 5.80 6.66 13.05
N VAL A 391 5.17 5.98 14.02
CA VAL A 391 4.20 4.91 13.73
C VAL A 391 3.07 5.37 12.83
N LEU A 392 2.47 6.55 13.16
CA LEU A 392 1.38 7.10 12.39
C LEU A 392 1.76 7.46 10.92
N ARG A 393 2.96 7.96 10.72
CA ARG A 393 3.48 8.20 9.37
C ARG A 393 3.59 6.90 8.59
N CYS A 394 4.12 5.83 9.23
CA CYS A 394 4.15 4.53 8.52
C CYS A 394 2.84 4.04 8.02
N LEU A 395 1.86 4.01 8.91
CA LEU A 395 0.49 3.53 8.62
C LEU A 395 -0.15 4.41 7.50
N LEU A 396 0.01 5.74 7.64
CA LEU A 396 -0.49 6.67 6.65
C LEU A 396 0.19 6.51 5.28
N ALA A 397 1.47 6.20 5.27
CA ALA A 397 2.13 5.92 4.03
C ALA A 397 1.53 4.69 3.37
N TYR A 398 1.13 3.70 4.17
CA TYR A 398 0.55 2.53 3.57
C TYR A 398 -0.83 2.91 2.91
N PHE A 399 -1.73 3.56 3.64
CA PHE A 399 -3.05 3.85 3.15
C PHE A 399 -3.06 4.86 1.99
N LEU A 400 -2.08 5.75 1.96
CA LEU A 400 -2.09 6.86 1.04
C LEU A 400 -1.08 6.66 -0.05
N ASP A 401 -0.38 5.52 0.02
CA ASP A 401 0.57 5.13 -1.03
C ASP A 401 1.72 6.11 -1.13
N LYS A 402 2.33 6.47 0.00
CA LYS A 402 3.48 7.36 -0.07
C LYS A 402 4.78 6.60 -0.15
N SER A 403 5.79 7.16 -0.78
CA SER A 403 7.03 6.42 -0.88
C SER A 403 7.80 6.43 0.48
N ALA A 404 8.76 5.52 0.55
CA ALA A 404 9.72 5.46 1.68
C ALA A 404 10.46 6.78 1.93
N GLU A 405 10.87 7.43 0.85
CA GLU A 405 11.57 8.68 1.00
C GLU A 405 10.62 9.79 1.59
N GLU A 406 9.34 9.79 1.24
CA GLU A 406 8.48 10.76 1.92
C GLU A 406 7.92 10.34 3.27
N MET A 407 7.74 9.04 3.49
CA MET A 407 7.13 8.61 4.78
C MET A 407 7.65 9.36 6.07
N PRO A 408 8.97 9.51 6.26
CA PRO A 408 9.41 10.12 7.55
C PRO A 408 9.17 11.61 7.70
N TYR A 409 8.59 12.21 6.66
CA TYR A 409 8.29 13.63 6.69
C TYR A 409 6.79 13.90 6.62
N LEU A 410 5.94 12.89 6.66
CA LEU A 410 4.53 13.13 6.56
C LEU A 410 4.07 13.93 7.77
N LYS A 411 3.06 14.78 7.58
CA LYS A 411 2.61 15.63 8.68
C LYS A 411 1.52 14.99 9.47
N CYS A 412 1.71 14.89 10.76
CA CYS A 412 0.67 14.25 11.62
C CYS A 412 0.71 14.95 12.98
N PRO A 413 0.02 16.11 13.08
CA PRO A 413 0.16 16.92 14.31
C PRO A 413 -0.61 16.32 15.48
N LEU A 414 -0.32 16.83 16.66
CA LEU A 414 -1.02 16.39 17.86
C LEU A 414 -2.44 16.85 17.83
N HIS A 415 -3.31 16.10 18.45
CA HIS A 415 -4.68 16.46 18.68
C HIS A 415 -5.50 16.59 17.44
N THR A 416 -5.11 15.89 16.39
CA THR A 416 -5.83 15.91 15.16
C THR A 416 -6.10 14.45 14.71
N VAL A 417 -7.33 14.12 14.36
CA VAL A 417 -7.69 12.84 13.80
C VAL A 417 -7.62 12.84 12.28
N LEU A 418 -6.96 11.84 11.69
CA LEU A 418 -7.05 11.57 10.28
C LEU A 418 -8.04 10.54 9.98
N LYS A 419 -9.04 10.88 9.15
CA LYS A 419 -10.20 9.98 8.99
C LYS A 419 -10.12 9.43 7.60
N LEU A 420 -10.01 8.09 7.46
CA LEU A 420 -9.75 7.49 6.14
C LEU A 420 -10.92 6.73 5.65
N THR A 421 -11.33 7.00 4.39
CA THR A 421 -12.53 6.36 3.84
C THR A 421 -12.16 5.81 2.46
N PRO A 422 -12.68 4.61 2.14
CA PRO A 422 -12.33 3.82 0.93
C PRO A 422 -13.08 4.43 -0.17
N VAL A 423 -12.41 4.97 -1.16
CA VAL A 423 -13.15 5.44 -2.33
C VAL A 423 -12.41 5.05 -3.61
N ALA A 424 -13.11 4.39 -4.56
CA ALA A 424 -12.59 4.11 -5.93
C ALA A 424 -11.52 3.04 -5.78
N TYR A 425 -10.29 3.46 -6.04
CA TYR A 425 -9.13 2.62 -6.02
C TYR A 425 -8.21 2.96 -4.83
N GLY A 426 -8.64 3.80 -3.89
CA GLY A 426 -7.79 4.11 -2.75
C GLY A 426 -8.49 4.68 -1.57
N CYS A 427 -7.81 5.61 -0.90
CA CYS A 427 -8.30 6.16 0.37
C CYS A 427 -8.30 7.67 0.29
N ARG A 428 -9.44 8.23 0.58
CA ARG A 428 -9.60 9.60 0.86
C ARG A 428 -9.21 9.87 2.36
N VAL A 429 -8.50 10.96 2.60
CA VAL A 429 -8.14 11.38 3.93
C VAL A 429 -8.78 12.71 4.30
N GLU A 430 -9.39 12.74 5.47
CA GLU A 430 -9.97 13.95 5.99
C GLU A 430 -9.42 14.22 7.42
N SER A 431 -9.03 15.47 7.64
CA SER A 431 -8.37 15.89 8.86
C SER A 431 -9.35 16.60 9.84
N ILE A 432 -9.42 16.19 11.10
CA ILE A 432 -10.27 16.89 12.04
C ILE A 432 -9.50 17.26 13.27
N TYR A 433 -9.25 18.55 13.46
CA TYR A 433 -8.44 19.05 14.54
C TYR A 433 -9.43 19.29 15.68
N LEU A 434 -9.07 18.79 16.87
CA LEU A 434 -10.08 18.82 17.97
C LEU A 434 -9.92 20.03 18.89
N ASN A 435 -9.17 21.03 18.44
CA ASN A 435 -9.24 22.39 18.99
C ASN A 435 -8.69 22.46 20.40
N VAL A 436 -7.67 21.68 20.70
CA VAL A 436 -6.97 21.76 21.98
C VAL A 436 -5.53 22.08 21.64
N GLU A 437 -5.00 23.19 22.13
CA GLU A 437 -3.59 23.52 21.86
C GLU A 437 -2.66 22.39 22.31
N SER A 438 -1.46 22.38 21.74
CA SER A 438 -0.41 21.44 22.08
C SER A 438 0.83 22.03 21.49
N VAL A 439 2.03 21.57 21.85
CA VAL A 439 3.23 21.97 21.12
C VAL A 439 3.33 21.32 19.71
N CYS A 440 4.36 21.71 18.96
CA CYS A 440 4.59 21.14 17.62
C CYS A 440 5.80 20.19 17.64
N THR A 441 5.65 18.98 17.13
CA THR A 441 6.77 18.02 17.18
C THR A 441 7.30 17.74 15.76
N HIS A 442 6.79 18.46 14.76
CA HIS A 442 7.18 18.16 13.37
C HIS A 442 8.47 18.82 13.01
N ARG A 443 9.41 18.08 12.44
CA ARG A 443 10.71 18.70 12.04
C ARG A 443 10.91 18.43 10.57
N GLU A 444 11.02 19.54 9.82
CA GLU A 444 11.12 19.54 8.36
C GLU A 444 12.45 18.94 7.94
N ARG A 445 12.59 18.56 6.67
CA ARG A 445 13.89 18.09 6.19
C ARG A 445 14.87 19.26 6.09
N SER A 446 16.05 19.12 6.68
CA SER A 446 17.09 20.11 6.50
C SER A 446 17.52 20.16 5.02
N ASN A 454 31.32 19.35 1.32
CA ASN A 454 31.78 19.88 0.05
C ASN A 454 32.79 21.01 0.24
N PRO A 455 32.50 21.97 1.16
CA PRO A 455 33.21 23.24 1.00
C PRO A 455 34.73 23.01 1.02
N LEU A 456 35.17 22.12 1.90
CA LEU A 456 36.60 21.88 2.16
C LEU A 456 37.21 20.64 1.40
N MET A 457 36.32 19.74 0.94
CA MET A 457 36.64 18.42 0.31
C MET A 457 36.88 18.38 -1.23
N ARG A 458 37.09 19.53 -1.84
CA ARG A 458 37.41 19.67 -3.25
C ARG A 458 38.64 20.55 -3.19
N ARG A 459 39.41 20.63 -4.26
CA ARG A 459 40.58 21.52 -4.28
C ARG A 459 40.25 22.98 -4.62
N ASN A 460 41.30 23.80 -4.63
CA ASN A 460 41.20 25.18 -4.22
C ASN A 460 40.57 25.14 -2.81
N SER A 461 41.18 24.27 -1.98
CA SER A 461 40.58 23.61 -0.81
C SER A 461 39.39 24.32 -0.15
PB ADP B . -11.76 -4.32 -13.86
O1B ADP B . -11.94 -5.79 -13.77
O2B ADP B . -10.32 -3.96 -13.81
O3B ADP B . -12.51 -3.77 -15.11
PA ADP B . -12.12 -2.50 -11.64
O1A ADP B . -12.03 -1.14 -12.35
O2A ADP B . -10.95 -2.97 -10.74
O3A ADP B . -12.49 -3.77 -12.56
O5' ADP B . -13.45 -2.57 -10.81
C5' ADP B . -13.47 -1.88 -9.54
C4' ADP B . -14.59 -2.39 -8.65
O4' ADP B . -14.46 -3.80 -8.32
C3' ADP B . -14.63 -1.67 -7.28
O3' ADP B . -15.98 -1.22 -7.16
C2' ADP B . -14.42 -2.74 -6.21
O2' ADP B . -15.25 -2.56 -5.07
C1' ADP B . -14.95 -3.98 -6.95
N9 ADP B . -14.29 -5.24 -6.54
C8 ADP B . -13.15 -5.36 -5.81
N7 ADP B . -12.82 -6.66 -5.69
C5 ADP B . -13.70 -7.39 -6.38
C6 ADP B . -13.91 -8.84 -6.63
N6 ADP B . -13.06 -9.78 -6.16
N1 ADP B . -15.00 -9.18 -7.37
C2 ADP B . -15.85 -8.24 -7.88
N3 ADP B . -15.73 -6.91 -7.66
C4 ADP B . -14.69 -6.44 -6.93
C1 MLA C . 6.34 -1.48 27.04
O1A MLA C . 5.97 -1.99 28.18
O1B MLA C . 6.28 -1.98 25.86
C2 MLA C . 6.93 -0.11 27.24
C3 MLA C . 6.35 0.28 28.60
O3A MLA C . 7.04 0.90 29.44
O3B MLA C . 5.17 -0.07 28.82
C ACY D . 10.31 1.41 24.35
O ACY D . 10.99 2.07 25.17
OXT ACY D . 9.95 0.23 24.63
CH3 ACY D . 9.87 2.06 23.05
N1 GSH E . -9.05 -29.14 -23.21
CA1 GSH E . -10.50 -28.73 -23.53
C1 GSH E . -11.40 -29.73 -22.81
O11 GSH E . -10.81 -30.54 -21.99
O12 GSH E . -12.67 -29.79 -23.01
CB1 GSH E . -10.78 -28.76 -25.06
CG1 GSH E . -9.41 -28.97 -25.79
CD1 GSH E . -8.71 -27.66 -25.49
OE1 GSH E . -9.43 -26.64 -25.23
N2 GSH E . -7.34 -27.66 -25.44
CA2 GSH E . -6.77 -26.60 -24.62
C2 GSH E . -6.29 -25.54 -25.54
O2 GSH E . -5.07 -25.41 -25.52
CB2 GSH E . -5.72 -27.13 -23.62
SG2 GSH E . -6.83 -27.88 -22.28
N3 GSH E . -7.17 -24.82 -26.30
CA3 GSH E . -6.71 -23.76 -27.27
C3 GSH E . -7.75 -22.62 -27.37
O31 GSH E . -9.01 -22.77 -27.13
O32 GSH E . -7.33 -21.47 -27.75
C1 MLA F . -7.86 -5.83 -22.38
O1A MLA F . -8.12 -5.35 -21.23
O1B MLA F . -6.75 -6.40 -22.54
C2 MLA F . -8.81 -5.71 -23.58
C3 MLA F . -7.97 -4.65 -24.29
O3A MLA F . -8.32 -3.44 -24.18
O3B MLA F . -6.88 -4.90 -24.93
O1 F6P G . 8.68 13.72 19.50
C1 F6P G . 7.61 12.71 19.55
C2 F6P G . 8.14 11.48 18.88
O2 F6P G . 7.03 10.63 18.79
C3 F6P G . 9.34 10.82 19.62
O3 F6P G . 8.72 10.03 20.66
C4 F6P G . 9.93 10.03 18.48
O4 F6P G . 11.32 9.72 18.63
C5 F6P G . 9.81 11.06 17.31
O5 F6P G . 8.60 11.72 17.54
C6 F6P G . 9.75 10.45 15.92
O6 F6P G . 9.80 11.53 14.96
P F6P G . 11.06 11.67 14.03
O1P F6P G . 12.29 11.95 14.80
O2P F6P G . 11.18 10.42 13.16
O3P F6P G . 10.48 12.91 13.27
#